data_2WCW
#
_entry.id   2WCW
#
_cell.length_a   57.510
_cell.length_b   75.480
_cell.length_c   60.920
_cell.angle_alpha   90.00
_cell.angle_beta   115.34
_cell.angle_gamma   90.00
#
_symmetry.space_group_name_H-M   'P 1 21 1'
#
loop_
_entity.id
_entity.type
_entity.pdbx_description
1 polymer HJC
2 non-polymer 'ACETATE ION'
3 non-polymer 'AMMONIUM ION'
4 water water
#
_entity_poly.entity_id   1
_entity_poly.type   'polypeptide(L)'
_entity_poly.pdbx_seq_one_letter_code
;GTMGKSKGTRFERDLLVELWKAGFAAIRVAGAGVSPFPCPDIVAGNGRTYLAIEVKMRKELPLYLSADEVEQLVTFARGF
GAEAYVALKLPRAAWRFFPVQMLERTEKNFKIDESVYPLGLEIAEVAGKFFQERFGEKV
;
_entity_poly.pdbx_strand_id   A,B,C,D
#
loop_
_chem_comp.id
_chem_comp.type
_chem_comp.name
_chem_comp.formula
ACT non-polymer 'ACETATE ION' 'C2 H3 O2 -1'
NH4 non-polymer 'AMMONIUM ION' 'H4 N 1'
#
# COMPACT_ATOMS: atom_id res chain seq x y z
N LYS A 7 1.23 5.97 20.94
CA LYS A 7 2.53 5.60 20.37
C LYS A 7 2.89 6.43 19.14
N GLY A 8 2.00 6.46 18.15
CA GLY A 8 2.28 7.13 16.88
C GLY A 8 2.57 8.61 17.08
N THR A 9 1.70 9.29 17.81
CA THR A 9 1.90 10.72 18.04
C THR A 9 3.19 10.90 18.83
N ARG A 10 3.52 9.92 19.66
CA ARG A 10 4.80 9.97 20.36
C ARG A 10 5.92 9.92 19.34
N PHE A 11 5.74 9.08 18.31
CA PHE A 11 6.76 8.89 17.27
C PHE A 11 6.80 10.09 16.32
N GLU A 12 5.65 10.69 16.07
CA GLU A 12 5.58 11.84 15.17
C GLU A 12 6.11 13.09 15.89
N ARG A 13 5.79 13.20 17.18
CA ARG A 13 6.43 14.20 18.04
C ARG A 13 7.90 13.85 18.16
N ASP A 14 8.19 12.55 18.17
CA ASP A 14 9.55 12.06 18.22
C ASP A 14 10.34 12.65 17.03
N LEU A 15 9.73 12.58 15.86
CA LEU A 15 10.36 13.11 14.66
C LEU A 15 10.49 14.63 14.73
N LEU A 16 9.46 15.31 15.20
CA LEU A 16 9.56 16.77 15.34
C LEU A 16 10.75 17.14 16.20
N VAL A 17 10.94 16.42 17.30
CA VAL A 17 12.03 16.72 18.23
C VAL A 17 13.38 16.53 17.53
N GLU A 18 13.51 15.45 16.77
CA GLU A 18 14.73 15.19 16.00
C GLU A 18 15.01 16.30 15.00
N LEU A 19 13.96 16.80 14.36
CA LEU A 19 14.11 17.87 13.38
C LEU A 19 14.62 19.15 14.05
N TRP A 20 14.05 19.48 15.21
CA TRP A 20 14.52 20.65 15.93
C TRP A 20 15.99 20.47 16.37
N LYS A 21 16.34 19.27 16.83
CA LYS A 21 17.72 19.01 17.23
C LYS A 21 18.68 19.18 16.04
N ALA A 22 18.16 18.96 14.84
CA ALA A 22 18.95 19.07 13.62
C ALA A 22 18.96 20.49 13.04
N GLY A 23 18.38 21.45 13.75
CA GLY A 23 18.45 22.83 13.32
C GLY A 23 17.23 23.34 12.55
N PHE A 24 16.22 22.49 12.40
CA PHE A 24 14.98 22.91 11.75
C PHE A 24 14.00 23.48 12.74
N ALA A 25 13.18 24.41 12.27
CA ALA A 25 11.94 24.76 12.95
C ALA A 25 10.87 23.92 12.26
N ALA A 26 10.17 23.09 13.02
CA ALA A 26 9.23 22.15 12.42
C ALA A 26 7.90 22.15 13.13
N ILE A 27 6.85 21.82 12.39
CA ILE A 27 5.51 21.75 12.92
C ILE A 27 4.79 20.53 12.37
N ARG A 28 3.89 19.97 13.18
CA ARG A 28 2.93 18.99 12.72
C ARG A 28 1.73 19.72 12.14
N VAL A 29 1.19 19.20 11.06
CA VAL A 29 0.04 19.78 10.41
C VAL A 29 -1.26 19.29 11.02
N ALA A 30 -2.14 20.22 11.35
CA ALA A 30 -3.44 19.87 11.92
C ALA A 30 -4.39 19.38 10.82
N GLY A 31 -5.12 18.32 11.14
CA GLY A 31 -6.10 17.77 10.21
C GLY A 31 -5.49 17.39 8.87
N ALA A 32 -4.28 16.85 8.91
CA ALA A 32 -3.58 16.49 7.69
C ALA A 32 -4.31 15.40 6.89
N GLY A 33 -5.34 14.82 7.49
CA GLY A 33 -6.12 13.79 6.83
C GLY A 33 -7.39 14.33 6.23
N VAL A 34 -8.21 14.98 7.05
CA VAL A 34 -9.53 15.43 6.62
C VAL A 34 -9.48 16.85 6.05
N SER A 35 -8.35 17.21 5.45
CA SER A 35 -8.19 18.55 4.89
C SER A 35 -8.57 18.58 3.41
N PRO A 36 -9.22 19.67 2.98
CA PRO A 36 -9.60 19.89 1.58
C PRO A 36 -8.40 20.19 0.69
N PHE A 37 -7.31 20.65 1.29
CA PHE A 37 -6.15 21.08 0.53
C PHE A 37 -5.07 20.02 0.57
N PRO A 38 -4.17 20.03 -0.42
CA PRO A 38 -3.02 19.13 -0.31
C PRO A 38 -2.20 19.49 0.93
N CYS A 39 -1.78 18.50 1.68
CA CYS A 39 -0.98 18.80 2.84
C CYS A 39 -0.19 17.60 3.32
N PRO A 40 1.01 17.88 3.80
CA PRO A 40 1.87 16.85 4.36
C PRO A 40 1.54 16.65 5.83
N ASP A 41 2.31 15.80 6.49
CA ASP A 41 2.14 15.58 7.90
C ASP A 41 2.97 16.54 8.75
N ILE A 42 4.16 16.86 8.27
CA ILE A 42 5.07 17.78 8.93
C ILE A 42 5.65 18.73 7.90
N VAL A 43 5.83 19.98 8.33
CA VAL A 43 6.54 21.00 7.55
C VAL A 43 7.71 21.49 8.38
N ALA A 44 8.88 21.59 7.76
CA ALA A 44 10.07 22.06 8.44
C ALA A 44 10.89 22.99 7.58
N GLY A 45 11.60 23.90 8.23
CA GLY A 45 12.51 24.79 7.54
C GLY A 45 13.62 25.31 8.41
N ASN A 46 14.75 25.65 7.80
CA ASN A 46 15.86 26.25 8.54
C ASN A 46 16.38 27.52 7.88
N GLY A 47 15.60 28.09 6.95
CA GLY A 47 15.98 29.30 6.24
C GLY A 47 16.66 29.03 4.90
N ARG A 48 17.13 27.80 4.71
CA ARG A 48 17.77 27.40 3.46
C ARG A 48 17.06 26.19 2.86
N THR A 49 16.81 25.20 3.69
CA THR A 49 16.15 23.96 3.27
C THR A 49 14.74 23.94 3.85
N TYR A 50 13.75 23.65 3.01
CA TYR A 50 12.37 23.54 3.43
C TYR A 50 11.86 22.16 3.07
N LEU A 51 11.18 21.52 4.01
CA LEU A 51 10.71 20.15 3.84
C LEU A 51 9.20 20.02 4.01
N ALA A 52 8.59 19.24 3.12
CA ALA A 52 7.21 18.78 3.28
C ALA A 52 7.28 17.27 3.39
N ILE A 53 6.86 16.75 4.54
CA ILE A 53 7.17 15.38 4.94
C ILE A 53 5.89 14.58 5.21
N GLU A 54 5.75 13.46 4.53
CA GLU A 54 4.75 12.46 4.84
C GLU A 54 5.39 11.43 5.77
N VAL A 55 4.75 11.16 6.90
CA VAL A 55 5.33 10.41 7.99
C VAL A 55 4.70 9.03 8.07
N LYS A 56 5.54 8.00 8.03
CA LYS A 56 5.08 6.61 8.04
C LYS A 56 5.87 5.78 9.05
N MET A 57 5.16 4.91 9.75
CA MET A 57 5.78 3.95 10.66
C MET A 57 5.33 2.57 10.21
N ARG A 58 6.27 1.65 10.04
CA ARG A 58 5.94 0.25 9.73
C ARG A 58 6.69 -0.70 10.64
N LYS A 59 6.09 -1.84 10.95
CA LYS A 59 6.75 -2.86 11.77
C LYS A 59 7.86 -3.57 11.02
N GLU A 60 7.71 -3.57 9.70
CA GLU A 60 8.65 -4.22 8.79
C GLU A 60 8.43 -3.63 7.40
N LEU A 61 9.44 -3.78 6.55
CA LEU A 61 9.32 -3.44 5.15
C LEU A 61 8.43 -4.46 4.44
N PRO A 62 7.87 -4.07 3.31
CA PRO A 62 7.97 -2.77 2.65
C PRO A 62 6.92 -1.76 3.08
N LEU A 63 7.19 -0.51 2.73
CA LEU A 63 6.21 0.56 2.83
C LEU A 63 5.52 0.72 1.46
N TYR A 64 4.19 0.68 1.44
CA TYR A 64 3.41 1.08 0.28
C TYR A 64 2.68 2.40 0.55
N LEU A 65 2.66 3.28 -0.44
CA LEU A 65 1.92 4.54 -0.38
C LEU A 65 1.07 4.61 -1.61
N SER A 66 -0.08 5.27 -1.53
CA SER A 66 -0.92 5.41 -2.71
C SER A 66 -0.39 6.49 -3.63
N ALA A 67 -0.81 6.41 -4.89
CA ALA A 67 -0.44 7.41 -5.87
C ALA A 67 -0.98 8.76 -5.42
N ASP A 68 -2.18 8.77 -4.87
CA ASP A 68 -2.83 10.01 -4.47
C ASP A 68 -2.06 10.70 -3.35
N GLU A 69 -1.59 9.92 -2.39
CA GLU A 69 -0.91 10.49 -1.25
C GLU A 69 0.37 11.17 -1.72
N VAL A 70 1.09 10.50 -2.62
CA VAL A 70 2.33 11.04 -3.11
C VAL A 70 2.08 12.27 -4.00
N GLU A 71 1.07 12.21 -4.85
CA GLU A 71 0.75 13.34 -5.73
C GLU A 71 0.39 14.57 -4.93
N GLN A 72 -0.37 14.36 -3.87
CA GLN A 72 -0.81 15.46 -3.00
C GLN A 72 0.40 16.08 -2.29
N LEU A 73 1.32 15.24 -1.83
CA LEU A 73 2.56 15.71 -1.23
C LEU A 73 3.38 16.57 -2.19
N VAL A 74 3.55 16.09 -3.42
CA VAL A 74 4.32 16.82 -4.41
C VAL A 74 3.66 18.16 -4.77
N THR A 75 2.35 18.15 -4.92
CA THR A 75 1.62 19.36 -5.22
C THR A 75 1.80 20.40 -4.11
N PHE A 76 1.69 19.96 -2.86
CA PHE A 76 1.89 20.86 -1.73
C PHE A 76 3.30 21.42 -1.77
N ALA A 77 4.29 20.55 -1.95
CA ALA A 77 5.69 20.96 -1.90
C ALA A 77 6.00 21.97 -2.99
N ARG A 78 5.44 21.76 -4.18
CA ARG A 78 5.66 22.67 -5.29
C ARG A 78 5.02 24.02 -5.00
N GLY A 79 3.82 24.03 -4.43
CA GLY A 79 3.16 25.29 -4.10
C GLY A 79 3.85 26.06 -2.97
N PHE A 80 4.32 25.31 -1.99
CA PHE A 80 4.90 25.90 -0.78
C PHE A 80 6.33 26.43 -1.00
N GLY A 81 7.09 25.71 -1.81
CA GLY A 81 8.52 25.94 -1.94
C GLY A 81 9.29 25.06 -0.97
N ALA A 82 9.04 23.75 -1.07
CA ALA A 82 9.70 22.78 -0.21
C ALA A 82 10.03 21.55 -1.01
N GLU A 83 10.87 20.70 -0.41
CA GLU A 83 11.25 19.43 -0.98
C GLU A 83 10.34 18.36 -0.38
N ALA A 84 9.81 17.50 -1.23
CA ALA A 84 8.88 16.45 -0.81
C ALA A 84 9.65 15.21 -0.37
N TYR A 85 9.35 14.76 0.85
CA TYR A 85 10.02 13.63 1.46
C TYR A 85 9.04 12.71 2.15
N VAL A 86 9.36 11.42 2.15
CA VAL A 86 8.73 10.46 3.01
C VAL A 86 9.70 10.11 4.11
N ALA A 87 9.25 10.25 5.36
CA ALA A 87 10.04 9.82 6.51
C ALA A 87 9.45 8.51 6.97
N LEU A 88 10.29 7.49 7.07
CA LEU A 88 9.88 6.14 7.45
C LEU A 88 10.63 5.65 8.68
N LYS A 89 9.89 5.17 9.66
CA LYS A 89 10.46 4.57 10.86
C LYS A 89 10.13 3.08 10.94
N LEU A 90 11.16 2.28 11.18
CA LEU A 90 11.05 0.85 11.49
C LEU A 90 11.39 0.69 12.98
N PRO A 91 11.00 -0.45 13.59
CA PRO A 91 11.07 -0.54 15.06
C PRO A 91 12.43 -0.25 15.69
N ARG A 92 13.50 -0.76 15.10
CA ARG A 92 14.82 -0.61 15.68
C ARG A 92 15.60 0.56 15.08
N ALA A 93 15.07 1.16 14.01
CA ALA A 93 15.83 2.15 13.27
C ALA A 93 15.50 3.58 13.63
N ALA A 94 16.46 4.46 13.38
CA ALA A 94 16.22 5.87 13.42
C ALA A 94 15.37 6.21 12.21
N TRP A 95 14.75 7.38 12.27
CA TRP A 95 14.01 7.89 11.12
C TRP A 95 14.90 7.96 9.88
N ARG A 96 14.34 7.55 8.75
CA ARG A 96 15.06 7.59 7.48
C ARG A 96 14.21 8.35 6.46
N PHE A 97 14.87 9.18 5.67
CA PHE A 97 14.21 10.13 4.79
C PHE A 97 14.42 9.81 3.31
N PHE A 98 13.34 9.81 2.56
CA PHE A 98 13.35 9.45 1.16
C PHE A 98 12.75 10.55 0.33
N PRO A 99 13.56 11.20 -0.49
CA PRO A 99 12.97 12.15 -1.45
C PRO A 99 12.02 11.39 -2.36
N VAL A 100 11.00 12.05 -2.87
CA VAL A 100 9.98 11.32 -3.60
C VAL A 100 10.53 10.59 -4.81
N GLN A 101 11.60 11.13 -5.39
CA GLN A 101 12.17 10.50 -6.58
C GLN A 101 12.77 9.13 -6.28
N MET A 102 13.08 8.88 -5.02
CA MET A 102 13.68 7.64 -4.59
C MET A 102 12.66 6.53 -4.46
N LEU A 103 11.38 6.89 -4.38
CA LEU A 103 10.32 5.89 -4.26
C LEU A 103 10.20 5.08 -5.54
N GLU A 104 9.87 3.81 -5.39
CA GLU A 104 9.68 2.94 -6.53
C GLU A 104 8.21 2.86 -6.90
N ARG A 105 7.98 2.82 -8.20
CA ARG A 105 6.64 2.84 -8.74
C ARG A 105 6.21 1.40 -8.93
N THR A 106 5.00 1.07 -8.50
CA THR A 106 4.36 -0.13 -8.99
C THR A 106 3.35 0.38 -10.02
N GLU A 107 2.50 -0.48 -10.54
CA GLU A 107 1.59 -0.01 -11.58
C GLU A 107 0.66 1.06 -11.04
N LYS A 108 0.38 0.99 -9.74
CA LYS A 108 -0.67 1.79 -9.12
C LYS A 108 -0.21 2.62 -7.90
N ASN A 109 0.81 2.12 -7.20
CA ASN A 109 1.23 2.67 -5.93
C ASN A 109 2.72 3.05 -5.98
N PHE A 110 3.25 3.49 -4.85
CA PHE A 110 4.68 3.71 -4.67
C PHE A 110 5.12 2.81 -3.53
N LYS A 111 6.39 2.43 -3.51
CA LYS A 111 6.87 1.50 -2.51
C LYS A 111 8.33 1.78 -2.11
N ILE A 112 8.63 1.53 -0.84
CA ILE A 112 10.02 1.41 -0.37
C ILE A 112 10.23 -0.01 0.15
N ASP A 113 11.02 -0.80 -0.56
CA ASP A 113 11.38 -2.13 -0.08
C ASP A 113 12.88 -2.19 0.29
N GLU A 114 13.36 -3.42 0.52
CA GLU A 114 14.69 -3.61 1.09
C GLU A 114 15.79 -3.16 0.17
N SER A 115 15.49 -3.05 -1.12
CA SER A 115 16.52 -2.65 -2.07
C SER A 115 16.70 -1.14 -2.04
N VAL A 116 15.68 -0.41 -1.56
CA VAL A 116 15.72 1.05 -1.57
C VAL A 116 15.96 1.60 -0.18
N TYR A 117 15.45 0.93 0.83
CA TYR A 117 15.56 1.43 2.20
C TYR A 117 17.00 1.82 2.59
N PRO A 118 18.02 1.04 2.18
CA PRO A 118 19.38 1.40 2.59
C PRO A 118 19.89 2.71 1.99
N LEU A 119 19.23 3.16 0.93
CA LEU A 119 19.60 4.40 0.27
C LEU A 119 19.01 5.65 0.96
N GLY A 120 18.14 5.42 1.94
CA GLY A 120 17.51 6.53 2.64
C GLY A 120 18.51 7.38 3.39
N LEU A 121 18.09 8.60 3.69
CA LEU A 121 18.98 9.59 4.28
C LEU A 121 18.71 9.78 5.75
N GLU A 122 19.77 10.06 6.50
CA GLU A 122 19.61 10.58 7.85
C GLU A 122 19.27 12.06 7.78
N ILE A 123 18.71 12.58 8.86
CA ILE A 123 18.28 13.97 8.86
C ILE A 123 19.42 14.95 8.59
N ALA A 124 20.61 14.67 9.09
CA ALA A 124 21.74 15.57 8.86
C ALA A 124 22.11 15.60 7.37
N GLU A 125 21.95 14.45 6.70
CA GLU A 125 22.17 14.41 5.26
C GLU A 125 21.12 15.22 4.51
N VAL A 126 19.89 15.21 5.00
CA VAL A 126 18.83 15.99 4.38
C VAL A 126 19.19 17.48 4.44
N ALA A 127 19.64 17.93 5.60
CA ALA A 127 20.04 19.33 5.79
C ALA A 127 21.31 19.69 5.02
N GLY A 128 22.20 18.72 4.82
CA GLY A 128 23.47 18.97 4.15
C GLY A 128 23.35 19.12 2.65
N LYS A 129 22.24 18.68 2.06
CA LYS A 129 22.12 18.69 0.60
C LYS A 129 22.25 20.09 0.04
N PHE A 130 21.85 21.08 0.83
CA PHE A 130 21.91 22.47 0.39
C PHE A 130 23.34 22.89 0.07
N PHE A 131 24.29 22.37 0.84
CA PHE A 131 25.70 22.69 0.62
C PHE A 131 26.38 21.67 -0.28
N GLN A 132 25.59 20.70 -0.74
CA GLN A 132 25.98 19.78 -1.80
C GLN A 132 26.96 18.72 -1.34
N SER B 6 -12.41 25.64 18.27
CA SER B 6 -13.79 26.10 18.24
C SER B 6 -13.94 27.17 17.17
N LYS B 7 -14.41 28.35 17.57
CA LYS B 7 -14.42 29.49 16.67
C LYS B 7 -12.98 29.79 16.28
N GLY B 8 -12.06 29.59 17.22
CA GLY B 8 -10.65 29.72 16.93
C GLY B 8 -10.34 28.99 15.64
N THR B 9 -10.70 27.72 15.60
CA THR B 9 -10.47 26.89 14.41
C THR B 9 -11.24 27.45 13.21
N ARG B 10 -12.45 27.95 13.43
CA ARG B 10 -13.24 28.54 12.35
C ARG B 10 -12.51 29.68 11.63
N PHE B 11 -11.87 30.54 12.40
CA PHE B 11 -11.20 31.68 11.79
C PHE B 11 -9.89 31.25 11.18
N GLU B 12 -9.23 30.27 11.80
CA GLU B 12 -8.01 29.72 11.22
C GLU B 12 -8.31 29.08 9.87
N ARG B 13 -9.41 28.33 9.78
CA ARG B 13 -9.78 27.72 8.51
C ARG B 13 -10.14 28.77 7.46
N ASP B 14 -10.82 29.85 7.86
CA ASP B 14 -11.14 30.91 6.92
C ASP B 14 -9.85 31.50 6.35
N LEU B 15 -8.89 31.78 7.22
CA LEU B 15 -7.60 32.33 6.75
C LEU B 15 -6.85 31.35 5.84
N LEU B 16 -6.90 30.06 6.15
CA LEU B 16 -6.25 29.05 5.31
CA LEU B 16 -6.21 29.10 5.31
C LEU B 16 -6.77 29.18 3.89
N VAL B 17 -8.11 29.29 3.78
CA VAL B 17 -8.74 29.40 2.47
C VAL B 17 -8.29 30.66 1.76
N GLU B 18 -8.23 31.79 2.47
CA GLU B 18 -7.76 33.06 1.88
CA GLU B 18 -7.80 33.03 1.83
C GLU B 18 -6.32 32.97 1.40
N LEU B 19 -5.49 32.28 2.17
CA LEU B 19 -4.08 32.13 1.81
C LEU B 19 -3.92 31.31 0.55
N TRP B 20 -4.59 30.17 0.46
CA TRP B 20 -4.54 29.38 -0.76
C TRP B 20 -5.02 30.17 -1.98
N LYS B 21 -6.08 30.94 -1.81
CA LYS B 21 -6.61 31.78 -2.90
C LYS B 21 -5.60 32.84 -3.33
N ALA B 22 -4.75 33.26 -2.40
CA ALA B 22 -3.72 34.25 -2.69
C ALA B 22 -2.41 33.65 -3.24
N GLY B 23 -2.40 32.35 -3.47
CA GLY B 23 -1.23 31.70 -4.04
C GLY B 23 -0.24 31.11 -3.05
N PHE B 24 -0.64 31.02 -1.78
CA PHE B 24 0.19 30.39 -0.76
C PHE B 24 -0.33 28.98 -0.53
N ALA B 25 0.59 28.03 -0.39
CA ALA B 25 0.23 26.76 0.20
C ALA B 25 0.35 26.97 1.71
N ALA B 26 -0.68 26.62 2.45
CA ALA B 26 -0.71 26.95 3.86
C ALA B 26 -1.26 25.78 4.67
N ILE B 27 -0.80 25.70 5.92
CA ILE B 27 -1.27 24.68 6.85
C ILE B 27 -1.57 25.28 8.20
N ARG B 28 -2.51 24.67 8.91
CA ARG B 28 -2.69 24.95 10.31
C ARG B 28 -1.78 24.06 11.15
N VAL B 29 -1.26 24.62 12.23
CA VAL B 29 -0.31 23.94 13.11
C VAL B 29 -1.02 23.20 14.21
N ALA B 30 -0.68 21.91 14.38
CA ALA B 30 -1.22 21.10 15.46
C ALA B 30 -0.47 21.40 16.76
N GLY B 31 -1.20 21.41 17.87
CA GLY B 31 -0.58 21.67 19.17
C GLY B 31 -0.23 23.12 19.37
N PHE B 37 9.74 24.61 21.86
CA PHE B 37 9.24 24.39 20.50
C PHE B 37 8.20 25.44 20.19
N PRO B 38 8.65 26.66 19.92
CA PRO B 38 7.75 27.77 19.59
C PRO B 38 7.03 27.43 18.30
N CYS B 39 5.71 27.65 18.25
CA CYS B 39 4.99 27.42 17.01
CA CYS B 39 4.90 27.34 17.06
C CYS B 39 3.84 28.39 16.82
N PRO B 40 3.69 28.84 15.57
CA PRO B 40 2.59 29.74 15.22
C PRO B 40 1.30 28.97 15.00
N ASP B 41 0.25 29.64 14.54
CA ASP B 41 -1.02 28.97 14.29
C ASP B 41 -1.11 28.49 12.84
N ILE B 42 -0.51 29.25 11.93
CA ILE B 42 -0.49 28.91 10.50
C ILE B 42 0.92 29.12 9.95
N VAL B 43 1.34 28.23 9.05
CA VAL B 43 2.57 28.44 8.29
C VAL B 43 2.20 28.37 6.82
N ALA B 44 2.76 29.27 6.01
CA ALA B 44 2.43 29.33 4.59
C ALA B 44 3.66 29.64 3.76
N GLY B 45 3.63 29.26 2.49
CA GLY B 45 4.70 29.62 1.58
C GLY B 45 4.25 29.62 0.15
N ASN B 46 4.90 30.42 -0.70
CA ASN B 46 4.55 30.47 -2.11
C ASN B 46 5.73 30.18 -3.01
N GLY B 47 6.83 29.72 -2.41
CA GLY B 47 8.02 29.35 -3.17
C GLY B 47 9.14 30.37 -3.02
N ARG B 48 8.78 31.56 -2.54
CA ARG B 48 9.72 32.66 -2.41
C ARG B 48 9.51 33.42 -1.09
N THR B 49 8.26 33.51 -0.65
CA THR B 49 7.95 34.10 0.64
C THR B 49 7.38 33.01 1.54
N TYR B 50 7.85 32.99 2.78
CA TYR B 50 7.30 32.12 3.83
C TYR B 50 6.74 32.95 4.96
N LEU B 51 5.58 32.54 5.46
CA LEU B 51 4.89 33.23 6.54
C LEU B 51 4.70 32.35 7.78
N ALA B 52 4.88 32.94 8.95
CA ALA B 52 4.54 32.31 10.21
C ALA B 52 3.52 33.25 10.86
N ILE B 53 2.33 32.75 11.11
CA ILE B 53 1.22 33.62 11.46
C ILE B 53 0.55 33.22 12.76
N GLU B 54 0.39 34.20 13.66
CA GLU B 54 -0.43 34.03 14.84
C GLU B 54 -1.80 34.59 14.49
N VAL B 55 -2.85 33.78 14.69
CA VAL B 55 -4.17 34.12 14.20
C VAL B 55 -5.12 34.54 15.31
N LYS B 56 -5.71 35.72 15.17
CA LYS B 56 -6.61 36.27 16.19
C LYS B 56 -7.90 36.81 15.59
N MET B 57 -8.98 36.66 16.32
CA MET B 57 -10.25 37.27 15.98
C MET B 57 -10.68 38.05 17.21
N ARG B 58 -11.08 39.29 17.01
CA ARG B 58 -11.71 40.09 18.07
C ARG B 58 -12.99 40.72 17.55
N LYS B 59 -14.00 40.79 18.41
CA LYS B 59 -15.21 41.54 18.07
C LYS B 59 -14.94 43.03 17.97
N GLU B 60 -14.02 43.51 18.80
CA GLU B 60 -13.64 44.92 18.88
C GLU B 60 -12.19 45.01 19.22
N LEU B 61 -11.56 46.11 18.79
CA LEU B 61 -10.22 46.45 19.24
C LEU B 61 -10.27 46.87 20.72
N PRO B 62 -9.14 46.79 21.42
CA PRO B 62 -7.84 46.35 20.90
C PRO B 62 -7.59 44.86 20.99
N LEU B 63 -6.58 44.42 20.26
CA LEU B 63 -6.02 43.10 20.49
C LEU B 63 -4.82 43.22 21.41
N TYR B 64 -4.85 42.49 22.53
CA TYR B 64 -3.67 42.31 23.36
C TYR B 64 -3.07 40.94 23.18
N LEU B 65 -1.74 40.91 23.09
CA LEU B 65 -0.98 39.67 23.02
C LEU B 65 0.07 39.64 24.10
N SER B 66 0.33 38.46 24.64
CA SER B 66 1.37 38.31 25.64
C SER B 66 2.74 38.45 25.01
N ALA B 67 3.71 38.89 25.81
CA ALA B 67 5.10 38.92 25.38
C ALA B 67 5.55 37.54 24.95
N ASP B 68 5.15 36.51 25.68
CA ASP B 68 5.56 35.15 25.36
C ASP B 68 5.07 34.72 23.97
N GLU B 69 3.82 35.01 23.66
CA GLU B 69 3.27 34.59 22.37
C GLU B 69 4.03 35.26 21.22
N VAL B 70 4.35 36.53 21.39
CA VAL B 70 5.05 37.28 20.34
C VAL B 70 6.48 36.75 20.24
N GLU B 71 7.12 36.55 21.38
CA GLU B 71 8.48 36.02 21.37
C GLU B 71 8.57 34.67 20.68
N GLN B 72 7.62 33.78 20.95
CA GLN B 72 7.60 32.46 20.32
C GLN B 72 7.41 32.59 18.80
N LEU B 73 6.54 33.49 18.38
CA LEU B 73 6.31 33.71 16.95
C LEU B 73 7.59 34.16 16.27
N VAL B 74 8.28 35.11 16.90
CA VAL B 74 9.52 35.65 16.35
C VAL B 74 10.60 34.58 16.28
N THR B 75 10.73 33.81 17.35
CA THR B 75 11.73 32.75 17.41
C THR B 75 11.47 31.71 16.34
N PHE B 76 10.22 31.28 16.19
CA PHE B 76 9.90 30.32 15.13
C PHE B 76 10.20 30.89 13.76
N ALA B 77 9.80 32.13 13.53
CA ALA B 77 9.96 32.71 12.21
C ALA B 77 11.45 32.84 11.85
N ARG B 78 12.28 33.19 12.83
CA ARG B 78 13.71 33.33 12.59
CA ARG B 78 13.73 33.32 12.65
C ARG B 78 14.34 31.99 12.26
N GLY B 79 13.96 30.94 12.99
CA GLY B 79 14.51 29.63 12.73
C GLY B 79 14.09 29.07 11.40
N PHE B 80 12.80 29.22 11.10
CA PHE B 80 12.20 28.69 9.87
C PHE B 80 12.65 29.43 8.62
N GLY B 81 12.94 30.72 8.77
CA GLY B 81 13.18 31.59 7.61
C GLY B 81 11.86 32.09 7.05
N ALA B 82 11.02 32.65 7.93
CA ALA B 82 9.72 33.16 7.53
C ALA B 82 9.50 34.57 8.06
N GLU B 83 8.58 35.29 7.44
CA GLU B 83 8.14 36.60 7.94
C GLU B 83 7.09 36.36 9.03
N ALA B 84 7.21 37.05 10.16
CA ALA B 84 6.29 36.84 11.27
C ALA B 84 5.17 37.85 11.22
N TYR B 85 3.94 37.38 11.31
CA TYR B 85 2.78 38.26 11.25
C TYR B 85 1.79 37.86 12.33
N VAL B 86 1.09 38.85 12.84
CA VAL B 86 -0.16 38.61 13.54
C VAL B 86 -1.28 38.94 12.57
N ALA B 87 -2.18 38.00 12.36
CA ALA B 87 -3.34 38.20 11.49
C ALA B 87 -4.56 38.41 12.37
N LEU B 88 -5.29 39.50 12.14
CA LEU B 88 -6.40 39.88 12.99
C LEU B 88 -7.65 40.10 12.15
N LYS B 89 -8.72 39.40 12.53
CA LYS B 89 -10.01 39.52 11.87
C LYS B 89 -10.99 40.21 12.80
N LEU B 90 -11.55 41.33 12.34
CA LEU B 90 -12.72 41.95 12.98
C LEU B 90 -13.94 41.60 12.17
N PRO B 91 -15.11 41.63 12.79
CA PRO B 91 -16.33 41.44 12.02
C PRO B 91 -16.46 42.48 10.93
N ARG B 92 -16.94 42.05 9.76
CA ARG B 92 -17.23 42.96 8.65
C ARG B 92 -15.99 43.72 8.15
N ALA B 93 -14.82 43.18 8.42
CA ALA B 93 -13.57 43.73 7.91
C ALA B 93 -12.72 42.63 7.34
N ALA B 94 -11.98 42.92 6.27
CA ALA B 94 -11.06 41.95 5.73
C ALA B 94 -9.97 41.64 6.74
N TRP B 95 -9.38 40.46 6.62
CA TRP B 95 -8.19 40.12 7.40
C TRP B 95 -7.12 41.18 7.25
N ARG B 96 -6.51 41.55 8.37
CA ARG B 96 -5.34 42.43 8.32
CA ARG B 96 -5.35 42.46 8.38
C ARG B 96 -4.14 41.76 8.96
N PHE B 97 -2.96 42.08 8.43
CA PHE B 97 -1.72 41.41 8.74
C PHE B 97 -0.71 42.38 9.28
N PHE B 98 -0.23 42.09 10.49
CA PHE B 98 0.67 43.01 11.20
C PHE B 98 2.01 42.35 11.43
N PRO B 99 3.05 42.83 10.74
CA PRO B 99 4.41 42.45 11.11
C PRO B 99 4.61 42.71 12.59
N VAL B 100 5.40 41.88 13.26
CA VAL B 100 5.64 42.07 14.68
C VAL B 100 6.18 43.47 14.98
N GLN B 101 6.95 44.02 14.05
CA GLN B 101 7.51 45.35 14.20
C GLN B 101 6.47 46.48 14.28
N MET B 102 5.24 46.17 13.89
CA MET B 102 4.17 47.15 13.82
C MET B 102 3.35 47.12 15.11
N LEU B 103 3.55 46.08 15.91
CA LEU B 103 2.85 45.96 17.17
C LEU B 103 3.31 47.01 18.17
N GLU B 104 2.36 47.54 18.91
CA GLU B 104 2.71 48.50 19.94
C GLU B 104 3.06 47.78 21.23
N ARG B 105 4.24 48.09 21.76
CA ARG B 105 4.69 47.50 23.01
CA ARG B 105 4.70 47.51 23.01
C ARG B 105 4.10 48.24 24.20
N THR B 106 3.63 47.51 25.19
CA THR B 106 3.14 48.13 26.41
C THR B 106 4.11 47.76 27.53
N GLU B 107 3.67 47.96 28.75
CA GLU B 107 4.38 47.47 29.93
C GLU B 107 5.05 46.14 29.60
N LYS B 108 4.25 45.07 29.64
CA LYS B 108 4.77 43.72 29.49
C LYS B 108 4.12 42.99 28.31
N ASN B 109 3.26 43.68 27.56
CA ASN B 109 2.49 43.05 26.50
C ASN B 109 2.71 43.73 25.15
N PHE B 110 1.94 43.29 24.16
CA PHE B 110 1.88 43.96 22.88
C PHE B 110 0.41 44.20 22.57
N LYS B 111 0.11 45.19 21.76
CA LYS B 111 -1.27 45.46 21.44
C LYS B 111 -1.41 46.07 20.05
N ILE B 112 -2.60 45.86 19.49
CA ILE B 112 -3.04 46.55 18.28
C ILE B 112 -4.30 47.30 18.65
N ASP B 113 -4.22 48.63 18.71
CA ASP B 113 -5.39 49.45 18.97
C ASP B 113 -5.82 50.20 17.71
N GLU B 114 -6.76 51.14 17.85
CA GLU B 114 -7.27 51.86 16.69
C GLU B 114 -6.21 52.68 15.97
N SER B 115 -5.10 52.99 16.63
CA SER B 115 -4.02 53.75 15.99
C SER B 115 -3.10 52.90 15.12
N VAL B 116 -3.02 51.61 15.42
CA VAL B 116 -2.14 50.69 14.70
C VAL B 116 -2.95 49.94 13.66
N TYR B 117 -4.21 49.65 13.95
CA TYR B 117 -5.00 48.80 13.05
C TYR B 117 -4.97 49.25 11.58
N PRO B 118 -5.16 50.55 11.29
CA PRO B 118 -5.18 50.97 9.88
C PRO B 118 -3.86 50.80 9.15
N LEU B 119 -2.76 50.57 9.88
CA LEU B 119 -1.46 50.37 9.25
C LEU B 119 -1.30 48.95 8.73
N GLY B 120 -2.18 48.05 9.15
CA GLY B 120 -2.05 46.65 8.80
C GLY B 120 -2.20 46.38 7.32
N LEU B 121 -1.47 45.39 6.83
CA LEU B 121 -1.54 44.98 5.44
C LEU B 121 -2.78 44.14 5.16
N GLU B 122 -3.27 44.24 3.93
CA GLU B 122 -4.25 43.28 3.43
C GLU B 122 -3.53 42.13 2.73
N ILE B 123 -4.28 41.07 2.42
CA ILE B 123 -3.64 39.85 1.95
C ILE B 123 -2.91 40.05 0.62
N ALA B 124 -3.46 40.86 -0.28
CA ALA B 124 -2.79 41.11 -1.55
C ALA B 124 -1.42 41.76 -1.33
N GLU B 125 -1.30 42.64 -0.32
CA GLU B 125 -0.03 43.30 -0.03
C GLU B 125 0.98 42.30 0.58
N VAL B 126 0.52 41.41 1.44
CA VAL B 126 1.37 40.35 1.96
C VAL B 126 1.91 39.48 0.84
N ALA B 127 1.06 39.17 -0.13
CA ALA B 127 1.46 38.28 -1.20
C ALA B 127 2.23 39.03 -2.29
N GLY B 128 2.21 40.36 -2.25
CA GLY B 128 2.89 41.17 -3.27
C GLY B 128 2.22 41.05 -4.63
N LYS B 129 0.89 40.87 -4.62
CA LYS B 129 0.13 40.65 -5.85
C LYS B 129 -0.98 41.68 -6.05
N PHE B 130 -1.64 41.62 -7.19
CA PHE B 130 -2.71 42.55 -7.50
C PHE B 130 -4.00 42.07 -6.86
N PHE B 131 -4.99 42.96 -6.79
CA PHE B 131 -6.26 42.63 -6.17
C PHE B 131 -7.41 43.10 -7.04
N GLN B 132 -8.37 42.20 -7.30
CA GLN B 132 -9.52 42.50 -8.16
C GLN B 132 -10.80 42.58 -7.34
N GLY C 8 -7.90 -43.82 -4.38
CA GLY C 8 -8.51 -42.56 -4.75
C GLY C 8 -7.78 -41.39 -4.14
N THR C 9 -8.29 -40.90 -3.01
CA THR C 9 -7.67 -39.81 -2.30
C THR C 9 -6.35 -40.26 -1.68
N ARG C 10 -6.26 -41.55 -1.36
CA ARG C 10 -5.06 -42.12 -0.77
C ARG C 10 -3.89 -42.05 -1.76
N PHE C 11 -4.16 -42.36 -3.02
CA PHE C 11 -3.11 -42.32 -4.02
C PHE C 11 -2.74 -40.87 -4.37
N GLU C 12 -3.72 -39.99 -4.38
CA GLU C 12 -3.45 -38.59 -4.69
C GLU C 12 -2.59 -37.99 -3.58
N ARG C 13 -2.75 -38.47 -2.36
CA ARG C 13 -2.00 -37.93 -1.24
C ARG C 13 -0.55 -38.41 -1.27
N ASP C 14 -0.34 -39.67 -1.63
CA ASP C 14 0.99 -40.23 -1.82
C ASP C 14 1.72 -39.45 -2.89
N LEU C 15 1.01 -39.13 -3.96
CA LEU C 15 1.63 -38.42 -5.07
C LEU C 15 2.01 -36.99 -4.67
N LEU C 16 1.16 -36.34 -3.89
CA LEU C 16 1.51 -35.02 -3.36
C LEU C 16 2.82 -35.06 -2.59
N VAL C 17 2.96 -36.04 -1.72
CA VAL C 17 4.21 -36.19 -0.97
C VAL C 17 5.39 -36.34 -1.91
N GLU C 18 5.26 -37.16 -2.94
CA GLU C 18 6.32 -37.35 -3.91
C GLU C 18 6.66 -36.07 -4.65
N LEU C 19 5.64 -35.30 -4.98
CA LEU C 19 5.84 -34.07 -5.71
C LEU C 19 6.59 -33.08 -4.84
N TRP C 20 6.13 -32.94 -3.59
CA TRP C 20 6.77 -32.03 -2.64
C TRP C 20 8.21 -32.47 -2.40
N LYS C 21 8.41 -33.77 -2.23
CA LYS C 21 9.76 -34.31 -2.07
C LYS C 21 10.65 -33.96 -3.27
N ALA C 22 10.06 -33.90 -4.47
CA ALA C 22 10.82 -33.61 -5.69
C ALA C 22 10.96 -32.12 -5.96
N GLY C 23 10.54 -31.29 -5.01
CA GLY C 23 10.69 -29.84 -5.16
C GLY C 23 9.53 -29.11 -5.80
N PHE C 24 8.39 -29.79 -5.97
CA PHE C 24 7.20 -29.16 -6.50
C PHE C 24 6.24 -28.88 -5.37
N ALA C 25 5.82 -27.63 -5.25
CA ALA C 25 4.71 -27.31 -4.37
C ALA C 25 3.46 -27.72 -5.13
N ALA C 26 2.64 -28.54 -4.50
CA ALA C 26 1.50 -29.12 -5.19
C ALA C 26 0.25 -29.15 -4.34
N ILE C 27 -0.89 -29.10 -5.01
CA ILE C 27 -2.19 -29.17 -4.32
C ILE C 27 -3.08 -30.11 -5.05
N ARG C 28 -4.03 -30.68 -4.31
CA ARG C 28 -5.13 -31.41 -4.92
C ARG C 28 -6.25 -30.43 -5.21
N VAL C 29 -6.93 -30.65 -6.33
CA VAL C 29 -8.05 -29.81 -6.75
C VAL C 29 -9.36 -30.23 -6.08
N ALA C 30 -10.08 -29.25 -5.56
CA ALA C 30 -11.37 -29.47 -4.91
C ALA C 30 -12.47 -29.63 -5.92
N GLY C 31 -13.47 -30.40 -5.55
CA GLY C 31 -14.65 -30.57 -6.37
C GLY C 31 -14.89 -32.02 -6.72
N ALA C 32 -16.17 -32.36 -6.81
CA ALA C 32 -16.56 -33.66 -7.29
C ALA C 32 -17.86 -33.45 -8.04
N GLY C 33 -18.00 -34.15 -9.15
CA GLY C 33 -19.23 -34.06 -9.91
C GLY C 33 -19.19 -33.01 -11.00
N VAL C 34 -20.36 -32.53 -11.38
CA VAL C 34 -20.49 -31.60 -12.49
C VAL C 34 -19.84 -30.27 -12.12
N SER C 35 -19.10 -29.72 -13.07
CA SER C 35 -18.37 -28.46 -12.86
C SER C 35 -18.46 -27.58 -14.10
N PRO C 36 -18.53 -26.26 -13.91
CA PRO C 36 -18.56 -25.32 -15.04
C PRO C 36 -17.18 -25.16 -15.66
N PHE C 37 -16.15 -25.52 -14.91
CA PHE C 37 -14.79 -25.32 -15.38
C PHE C 37 -13.99 -26.60 -15.46
N PRO C 38 -13.06 -26.67 -16.43
CA PRO C 38 -12.24 -27.87 -16.56
C PRO C 38 -11.19 -27.89 -15.46
N CYS C 39 -10.96 -29.05 -14.88
CA CYS C 39 -10.11 -29.22 -13.71
C CYS C 39 -9.22 -30.43 -13.91
N PRO C 40 -7.93 -30.32 -13.57
CA PRO C 40 -7.16 -31.54 -13.36
C PRO C 40 -7.35 -32.06 -11.93
N ASP C 41 -6.64 -33.12 -11.57
CA ASP C 41 -6.66 -33.65 -10.21
C ASP C 41 -5.67 -32.95 -9.27
N ILE C 42 -4.48 -32.66 -9.80
CA ILE C 42 -3.41 -31.99 -9.05
C ILE C 42 -2.79 -30.89 -9.91
N VAL C 43 -2.40 -29.79 -9.28
CA VAL C 43 -1.63 -28.75 -9.94
C VAL C 43 -0.36 -28.58 -9.13
N ALA C 44 0.76 -28.45 -9.82
CA ALA C 44 2.04 -28.35 -9.15
C ALA C 44 2.97 -27.38 -9.86
N GLY C 45 3.95 -26.86 -9.14
CA GLY C 45 4.89 -25.94 -9.76
C GLY C 45 6.16 -25.91 -8.94
N ASN C 46 7.29 -25.63 -9.59
CA ASN C 46 8.55 -25.52 -8.87
C ASN C 46 9.25 -24.21 -9.17
N GLY C 47 8.51 -23.26 -9.71
CA GLY C 47 9.06 -21.97 -10.10
C GLY C 47 9.46 -21.88 -11.57
N ARG C 48 9.67 -23.02 -12.20
CA ARG C 48 10.11 -23.03 -13.61
C ARG C 48 9.21 -23.89 -14.47
N THR C 49 8.74 -24.99 -13.88
CA THR C 49 7.84 -25.91 -14.54
C THR C 49 6.54 -25.88 -13.76
N TYR C 50 5.42 -25.77 -14.48
CA TYR C 50 4.09 -25.97 -13.90
C TYR C 50 3.47 -27.23 -14.50
N LEU C 51 2.79 -28.00 -13.66
CA LEU C 51 2.19 -29.27 -14.06
C LEU C 51 0.69 -29.29 -13.75
N ALA C 52 -0.11 -29.80 -14.70
CA ALA C 52 -1.51 -30.14 -14.48
C ALA C 52 -1.61 -31.62 -14.69
N ILE C 53 -2.03 -32.32 -13.65
CA ILE C 53 -1.90 -33.76 -13.59
C ILE C 53 -3.23 -34.45 -13.36
N GLU C 54 -3.52 -35.45 -14.19
CA GLU C 54 -4.61 -36.38 -13.97
C GLU C 54 -4.03 -37.63 -13.32
N VAL C 55 -4.60 -38.03 -12.20
CA VAL C 55 -4.04 -39.09 -11.38
C VAL C 55 -4.80 -40.41 -11.52
N LYS C 56 -4.07 -41.46 -11.87
CA LYS C 56 -4.69 -42.77 -12.12
C LYS C 56 -3.94 -43.90 -11.44
N MET C 57 -4.69 -44.88 -10.93
CA MET C 57 -4.08 -46.09 -10.37
C MET C 57 -4.74 -47.29 -11.00
N ARG C 58 -3.93 -48.27 -11.43
CA ARG C 58 -4.45 -49.53 -11.98
C ARG C 58 -3.66 -50.70 -11.43
N LYS C 59 -4.28 -51.89 -11.38
CA LYS C 59 -3.59 -53.09 -10.95
C LYS C 59 -2.76 -53.61 -12.10
N GLU C 60 -3.20 -53.32 -13.31
CA GLU C 60 -2.57 -53.82 -14.52
C GLU C 60 -2.91 -52.91 -15.67
N LEU C 61 -2.04 -52.89 -16.67
CA LEU C 61 -2.30 -52.17 -17.90
C LEU C 61 -3.33 -52.97 -18.66
N PRO C 62 -4.04 -52.31 -19.58
CA PRO C 62 -3.88 -50.91 -19.98
C PRO C 62 -4.65 -49.92 -19.12
N LEU C 63 -4.27 -48.65 -19.23
CA LEU C 63 -5.06 -47.54 -18.71
C LEU C 63 -5.80 -46.89 -19.88
N TYR C 64 -7.11 -46.68 -19.72
CA TYR C 64 -7.90 -45.96 -20.70
C TYR C 64 -8.39 -44.67 -20.09
N LEU C 65 -8.32 -43.57 -20.85
CA LEU C 65 -8.91 -42.30 -20.43
C LEU C 65 -9.84 -41.85 -21.52
N SER C 66 -10.95 -41.22 -21.15
CA SER C 66 -11.85 -40.72 -22.19
C SER C 66 -11.31 -39.48 -22.87
N ALA C 67 -11.78 -39.21 -24.08
CA ALA C 67 -11.41 -37.99 -24.75
C ALA C 67 -11.89 -36.79 -23.95
N ASP C 68 -13.06 -36.89 -23.31
CA ASP C 68 -13.53 -35.76 -22.50
C ASP C 68 -12.59 -35.47 -21.34
N GLU C 69 -12.05 -36.51 -20.71
CA GLU C 69 -11.14 -36.31 -19.59
C GLU C 69 -9.82 -35.71 -20.08
N VAL C 70 -9.35 -36.18 -21.22
CA VAL C 70 -8.13 -35.63 -21.79
C VAL C 70 -8.33 -34.19 -22.19
N GLU C 71 -9.46 -33.89 -22.81
CA GLU C 71 -9.79 -32.53 -23.25
C GLU C 71 -9.83 -31.57 -22.07
N GLN C 72 -10.44 -32.02 -20.98
CA GLN C 72 -10.56 -31.17 -19.80
C GLN C 72 -9.16 -30.84 -19.27
N LEU C 73 -8.29 -31.85 -19.21
CA LEU C 73 -6.93 -31.68 -18.72
C LEU C 73 -6.16 -30.70 -19.56
N VAL C 74 -6.19 -30.90 -20.88
CA VAL C 74 -5.40 -30.07 -21.79
C VAL C 74 -5.91 -28.64 -21.85
N THR C 75 -7.22 -28.47 -21.80
CA THR C 75 -7.85 -27.15 -21.82
C THR C 75 -7.38 -26.38 -20.59
N PHE C 76 -7.42 -27.03 -19.43
CA PHE C 76 -6.95 -26.38 -18.23
C PHE C 76 -5.47 -26.03 -18.34
N ALA C 77 -4.66 -26.98 -18.76
CA ALA C 77 -3.22 -26.79 -18.80
C ALA C 77 -2.84 -25.65 -19.73
N ARG C 78 -3.47 -25.60 -20.89
CA ARG C 78 -3.15 -24.54 -21.83
CA ARG C 78 -3.13 -24.54 -21.83
C ARG C 78 -3.53 -23.17 -21.27
N GLY C 79 -4.69 -23.09 -20.64
CA GLY C 79 -5.14 -21.83 -20.05
C GLY C 79 -4.27 -21.39 -18.89
N PHE C 80 -3.82 -22.35 -18.09
CA PHE C 80 -3.07 -22.04 -16.88
C PHE C 80 -1.63 -21.67 -17.19
N GLY C 81 -1.11 -22.29 -18.23
CA GLY C 81 0.30 -22.25 -18.54
C GLY C 81 1.06 -23.37 -17.85
N ALA C 82 0.56 -24.60 -18.02
CA ALA C 82 1.14 -25.77 -17.41
C ALA C 82 1.27 -26.89 -18.44
N GLU C 83 2.16 -27.83 -18.15
CA GLU C 83 2.30 -29.03 -18.96
C GLU C 83 1.29 -30.06 -18.46
N ALA C 84 0.58 -30.71 -19.40
CA ALA C 84 -0.44 -31.69 -19.08
C ALA C 84 0.16 -33.10 -18.99
N TYR C 85 -0.06 -33.74 -17.85
CA TYR C 85 0.49 -35.06 -17.56
C TYR C 85 -0.58 -35.99 -17.02
N VAL C 86 -0.48 -37.27 -17.37
CA VAL C 86 -1.18 -38.34 -16.67
C VAL C 86 -0.15 -39.04 -15.81
N ALA C 87 -0.43 -39.12 -14.51
CA ALA C 87 0.40 -39.86 -13.58
C ALA C 87 -0.28 -41.19 -13.31
N LEU C 88 0.45 -42.29 -13.49
CA LEU C 88 -0.10 -43.62 -13.35
C LEU C 88 0.70 -44.43 -12.35
N LYS C 89 -0.01 -45.03 -11.40
CA LYS C 89 0.60 -45.90 -10.39
C LYS C 89 0.12 -47.33 -10.61
N LEU C 90 1.07 -48.24 -10.79
CA LEU C 90 0.78 -49.66 -10.82
C LEU C 90 1.28 -50.25 -9.51
N PRO C 91 0.73 -51.40 -9.11
CA PRO C 91 1.12 -51.95 -7.82
C PRO C 91 2.62 -52.20 -7.75
N ARG C 92 3.24 -51.79 -6.64
CA ARG C 92 4.65 -52.08 -6.40
C ARG C 92 5.59 -51.31 -7.31
N ALA C 93 5.05 -50.45 -8.18
CA ALA C 93 5.88 -49.65 -9.08
C ALA C 93 5.82 -48.17 -8.69
N ALA C 94 6.90 -47.45 -8.97
CA ALA C 94 6.91 -46.01 -8.75
C ALA C 94 5.95 -45.30 -9.71
N TRP C 95 5.41 -44.16 -9.27
CA TRP C 95 4.61 -43.31 -10.15
C TRP C 95 5.34 -43.09 -11.45
N ARG C 96 4.60 -43.14 -12.55
CA ARG C 96 5.18 -42.86 -13.86
C ARG C 96 4.35 -41.76 -14.51
N PHE C 97 5.03 -40.84 -15.20
CA PHE C 97 4.39 -39.63 -15.70
C PHE C 97 4.42 -39.61 -17.21
N PHE C 98 3.26 -39.34 -17.79
CA PHE C 98 3.08 -39.39 -19.23
C PHE C 98 2.59 -38.06 -19.75
N PRO C 99 3.44 -37.36 -20.52
CA PRO C 99 2.94 -36.17 -21.20
C PRO C 99 1.72 -36.58 -22.01
N VAL C 100 0.73 -35.71 -22.11
CA VAL C 100 -0.54 -36.07 -22.71
C VAL C 100 -0.41 -36.48 -24.18
N GLN C 101 0.59 -35.95 -24.88
CA GLN C 101 0.76 -36.29 -26.28
C GLN C 101 1.28 -37.72 -26.50
N MET C 102 1.67 -38.39 -25.41
CA MET C 102 2.25 -39.73 -25.47
C MET C 102 1.14 -40.78 -25.39
N LEU C 103 -0.04 -40.39 -24.93
CA LEU C 103 -1.18 -41.31 -24.94
C LEU C 103 -1.45 -41.69 -26.37
N GLU C 104 -1.94 -42.90 -26.57
CA GLU C 104 -2.35 -43.29 -27.91
C GLU C 104 -3.87 -43.16 -28.06
N ARG C 105 -4.27 -42.41 -29.08
CA ARG C 105 -5.67 -42.25 -29.41
C ARG C 105 -6.17 -43.50 -30.09
N THR C 106 -7.15 -44.17 -29.48
CA THR C 106 -7.84 -45.28 -30.14
C THR C 106 -9.18 -44.77 -30.64
N GLU C 107 -10.02 -45.66 -31.16
CA GLU C 107 -11.31 -45.25 -31.68
C GLU C 107 -12.26 -44.77 -30.57
N LYS C 108 -12.13 -45.35 -29.38
CA LYS C 108 -13.06 -45.04 -28.29
C LYS C 108 -12.48 -44.19 -27.18
N ASN C 109 -11.15 -44.07 -27.11
CA ASN C 109 -10.53 -43.39 -25.98
C ASN C 109 -9.06 -43.08 -26.21
N PHE C 110 -8.36 -42.68 -25.16
CA PHE C 110 -6.93 -42.53 -25.14
C PHE C 110 -6.42 -43.66 -24.24
N LYS C 111 -5.22 -44.16 -24.49
CA LYS C 111 -4.74 -45.34 -23.78
C LYS C 111 -3.24 -45.32 -23.49
N ILE C 112 -2.88 -45.95 -22.37
CA ILE C 112 -1.50 -46.30 -22.08
C ILE C 112 -1.47 -47.82 -21.96
N ASP C 113 -0.82 -48.50 -22.89
CA ASP C 113 -0.70 -49.94 -22.81
C ASP C 113 0.74 -50.35 -22.54
N GLU C 114 1.03 -51.63 -22.68
CA GLU C 114 2.33 -52.14 -22.26
C GLU C 114 3.46 -51.60 -23.14
N SER C 115 3.16 -51.24 -24.38
CA SER C 115 4.17 -50.66 -25.24
C SER C 115 4.41 -49.18 -24.93
N VAL C 116 3.38 -48.48 -24.45
CA VAL C 116 3.49 -47.06 -24.10
C VAL C 116 4.11 -46.84 -22.71
N TYR C 117 3.81 -47.72 -21.77
CA TYR C 117 4.21 -47.52 -20.36
C TYR C 117 5.71 -47.28 -20.17
N PRO C 118 6.56 -48.01 -20.90
CA PRO C 118 8.00 -47.77 -20.72
C PRO C 118 8.45 -46.36 -21.19
N LEU C 119 7.70 -45.75 -22.10
CA LEU C 119 8.04 -44.41 -22.58
C LEU C 119 7.81 -43.33 -21.52
N GLY C 120 7.09 -43.68 -20.45
CA GLY C 120 6.77 -42.74 -19.38
C GLY C 120 8.00 -42.31 -18.60
N LEU C 121 7.83 -41.25 -17.81
CA LEU C 121 8.93 -40.63 -17.08
C LEU C 121 8.83 -40.87 -15.57
N GLU C 122 9.98 -41.00 -14.92
CA GLU C 122 10.03 -41.06 -13.48
C GLU C 122 9.96 -39.63 -12.98
N ILE C 123 9.64 -39.44 -11.70
CA ILE C 123 9.41 -38.08 -11.22
C ILE C 123 10.67 -37.22 -11.33
N ALA C 124 11.84 -37.82 -11.12
CA ALA C 124 13.11 -37.09 -11.23
C ALA C 124 13.29 -36.48 -12.62
N GLU C 125 12.77 -37.15 -13.63
CA GLU C 125 12.90 -36.72 -15.02
C GLU C 125 11.97 -35.57 -15.33
N VAL C 126 10.86 -35.50 -14.62
CA VAL C 126 9.93 -34.39 -14.76
C VAL C 126 10.50 -33.17 -14.05
N ALA C 127 11.16 -33.41 -12.92
CA ALA C 127 11.61 -32.35 -12.03
C ALA C 127 12.93 -31.73 -12.48
N GLY C 128 13.69 -32.46 -13.28
CA GLY C 128 15.00 -32.01 -13.70
C GLY C 128 15.11 -31.94 -15.21
N SER D 6 -19.61 -23.15 4.13
CA SER D 6 -20.13 -23.10 2.77
C SER D 6 -20.36 -21.65 2.35
N LYS D 7 -20.21 -20.74 3.29
CA LYS D 7 -20.28 -19.32 2.98
C LYS D 7 -18.96 -18.99 2.30
N GLY D 8 -17.89 -19.47 2.91
CA GLY D 8 -16.56 -19.38 2.31
C GLY D 8 -16.52 -20.09 0.98
N THR D 9 -17.23 -21.22 0.89
CA THR D 9 -17.30 -21.97 -0.37
C THR D 9 -17.99 -21.13 -1.44
N ARG D 10 -19.07 -20.45 -1.08
CA ARG D 10 -19.80 -19.68 -2.07
C ARG D 10 -18.97 -18.51 -2.59
N PHE D 11 -18.21 -17.85 -1.72
CA PHE D 11 -17.41 -16.73 -2.20
C PHE D 11 -16.17 -17.23 -2.94
N GLU D 12 -15.68 -18.40 -2.56
CA GLU D 12 -14.57 -18.97 -3.33
C GLU D 12 -15.02 -19.31 -4.74
N ARG D 13 -16.24 -19.83 -4.86
CA ARG D 13 -16.77 -20.16 -6.18
C ARG D 13 -17.03 -18.88 -7.00
N ASP D 14 -17.51 -17.82 -6.35
CA ASP D 14 -17.70 -16.56 -7.06
C ASP D 14 -16.37 -16.05 -7.61
N LEU D 15 -15.32 -16.14 -6.80
CA LEU D 15 -14.01 -15.63 -7.22
C LEU D 15 -13.50 -16.48 -8.38
N LEU D 16 -13.71 -17.79 -8.31
CA LEU D 16 -13.33 -18.67 -9.42
CA LEU D 16 -13.28 -18.65 -9.41
C LEU D 16 -13.94 -18.19 -10.72
N VAL D 17 -15.24 -17.88 -10.67
CA VAL D 17 -15.94 -17.42 -11.87
C VAL D 17 -15.31 -16.13 -12.40
N GLU D 18 -14.98 -15.20 -11.50
CA GLU D 18 -14.39 -13.94 -11.92
C GLU D 18 -12.99 -14.14 -12.49
N LEU D 19 -12.21 -15.05 -11.93
CA LEU D 19 -10.87 -15.30 -12.42
C LEU D 19 -10.91 -15.89 -13.84
N TRP D 20 -11.80 -16.84 -14.07
CA TRP D 20 -11.93 -17.43 -15.40
C TRP D 20 -12.39 -16.37 -16.42
N LYS D 21 -13.28 -15.48 -15.99
CA LYS D 21 -13.73 -14.38 -16.86
C LYS D 21 -12.59 -13.42 -17.20
N ALA D 22 -11.63 -13.32 -16.29
CA ALA D 22 -10.48 -12.43 -16.46
C ALA D 22 -9.33 -13.11 -17.21
N GLY D 23 -9.53 -14.35 -17.65
CA GLY D 23 -8.57 -15.01 -18.50
C GLY D 23 -7.62 -15.94 -17.77
N PHE D 24 -7.88 -16.19 -16.49
CA PHE D 24 -7.10 -17.17 -15.73
C PHE D 24 -7.78 -18.56 -15.84
N ALA D 25 -6.97 -19.60 -15.76
CA ALA D 25 -7.47 -20.92 -15.39
C ALA D 25 -7.25 -21.02 -13.89
N ALA D 26 -8.30 -21.30 -13.15
CA ALA D 26 -8.23 -21.29 -11.68
C ALA D 26 -8.87 -22.52 -11.07
N ILE D 27 -8.34 -22.94 -9.94
CA ILE D 27 -8.93 -24.03 -9.15
C ILE D 27 -9.01 -23.68 -7.67
N ARG D 28 -9.96 -24.31 -7.00
CA ARG D 28 -10.01 -24.27 -5.54
CA ARG D 28 -10.02 -24.28 -5.54
C ARG D 28 -9.20 -25.44 -5.01
N VAL D 29 -8.48 -25.22 -3.92
CA VAL D 29 -7.63 -26.21 -3.32
C VAL D 29 -8.42 -27.08 -2.35
N ALA D 30 -8.23 -28.39 -2.45
CA ALA D 30 -8.89 -29.35 -1.57
C ALA D 30 -8.17 -29.43 -0.24
N GLY D 31 -8.93 -29.50 0.83
CA GLY D 31 -8.37 -29.67 2.17
C GLY D 31 -7.43 -28.55 2.59
N ALA D 32 -7.66 -27.34 2.08
CA ALA D 32 -6.77 -26.21 2.33
C ALA D 32 -6.65 -25.91 3.81
N GLY D 33 -7.70 -26.25 4.57
CA GLY D 33 -7.71 -26.00 5.99
C GLY D 33 -7.04 -27.08 6.81
N VAL D 34 -7.08 -28.32 6.33
CA VAL D 34 -6.64 -29.47 7.14
C VAL D 34 -5.42 -30.22 6.58
N SER D 35 -4.87 -29.76 5.47
CA SER D 35 -3.74 -30.45 4.85
C SER D 35 -2.46 -30.11 5.60
N PRO D 36 -1.49 -31.03 5.64
CA PRO D 36 -0.19 -30.71 6.25
C PRO D 36 0.65 -29.75 5.40
N PHE D 37 0.40 -29.73 4.10
CA PHE D 37 1.13 -28.87 3.18
C PHE D 37 0.64 -27.44 3.25
N PRO D 38 1.56 -26.47 3.13
CA PRO D 38 1.13 -25.06 3.05
C PRO D 38 0.28 -24.92 1.81
N CYS D 39 -0.93 -24.38 1.98
CA CYS D 39 -2.01 -24.40 0.99
C CYS D 39 -2.60 -22.98 0.90
N PRO D 40 -2.84 -22.43 -0.30
CA PRO D 40 -3.78 -21.30 -0.40
C PRO D 40 -5.20 -21.81 -0.57
N ASP D 41 -6.18 -20.92 -0.76
CA ASP D 41 -7.54 -21.31 -1.10
C ASP D 41 -7.76 -21.54 -2.60
N ILE D 42 -7.12 -20.72 -3.42
CA ILE D 42 -7.24 -20.79 -4.88
C ILE D 42 -5.87 -20.66 -5.49
N VAL D 43 -5.62 -21.42 -6.56
CA VAL D 43 -4.42 -21.24 -7.38
C VAL D 43 -4.88 -20.92 -8.80
N ALA D 44 -4.23 -19.96 -9.45
CA ALA D 44 -4.66 -19.51 -10.77
C ALA D 44 -3.46 -19.15 -11.64
N GLY D 45 -3.60 -19.27 -12.95
CA GLY D 45 -2.52 -18.91 -13.84
C GLY D 45 -3.08 -18.57 -15.20
N ASN D 46 -2.39 -17.70 -15.92
CA ASN D 46 -2.78 -17.40 -17.28
C ASN D 46 -1.64 -17.50 -18.27
N GLY D 47 -0.58 -18.22 -17.89
CA GLY D 47 0.57 -18.39 -18.74
C GLY D 47 1.68 -17.38 -18.51
N ARG D 48 1.31 -16.26 -17.89
CA ARG D 48 2.25 -15.17 -17.61
C ARG D 48 2.31 -14.85 -16.12
N THR D 49 1.13 -14.77 -15.51
CA THR D 49 0.97 -14.47 -14.11
C THR D 49 0.41 -15.69 -13.40
N TYR D 50 1.00 -16.03 -12.24
CA TYR D 50 0.57 -17.16 -11.42
C TYR D 50 0.24 -16.66 -10.04
N LEU D 51 -0.93 -17.06 -9.53
CA LEU D 51 -1.45 -16.54 -8.27
C LEU D 51 -1.72 -17.63 -7.26
N ALA D 52 -1.35 -17.37 -6.01
CA ALA D 52 -1.73 -18.19 -4.87
C ALA D 52 -2.54 -17.28 -3.97
N ILE D 53 -3.82 -17.61 -3.78
CA ILE D 53 -4.78 -16.66 -3.21
C ILE D 53 -5.44 -17.18 -1.95
N GLU D 54 -5.42 -16.36 -0.89
CA GLU D 54 -6.25 -16.57 0.30
C GLU D 54 -7.50 -15.72 0.09
N VAL D 55 -8.66 -16.35 0.20
CA VAL D 55 -9.95 -15.74 -0.14
C VAL D 55 -10.77 -15.38 1.10
N LYS D 56 -11.21 -14.12 1.18
CA LYS D 56 -11.93 -13.63 2.35
C LYS D 56 -13.10 -12.75 1.95
N MET D 57 -14.23 -12.91 2.63
CA MET D 57 -15.37 -12.04 2.49
C MET D 57 -15.70 -11.47 3.85
N ARG D 58 -15.85 -10.15 3.93
CA ARG D 58 -16.18 -9.47 5.18
C ARG D 58 -17.28 -8.45 4.96
N LYS D 59 -18.12 -8.25 5.97
CA LYS D 59 -19.17 -7.26 5.88
C LYS D 59 -18.60 -5.85 5.96
N GLU D 60 -17.52 -5.70 6.73
CA GLU D 60 -16.80 -4.44 6.74
C GLU D 60 -15.34 -4.59 7.19
N LEU D 61 -14.56 -3.55 6.96
CA LEU D 61 -13.16 -3.52 7.35
C LEU D 61 -13.08 -3.28 8.85
N PRO D 62 -11.97 -3.68 9.49
CA PRO D 62 -10.85 -4.34 8.82
C PRO D 62 -10.98 -5.84 8.67
N LEU D 63 -10.20 -6.36 7.74
CA LEU D 63 -9.94 -7.80 7.67
C LEU D 63 -8.74 -8.14 8.54
N TYR D 64 -8.90 -9.15 9.39
CA TYR D 64 -7.79 -9.64 10.17
C TYR D 64 -7.41 -11.04 9.73
N LEU D 65 -6.10 -11.26 9.60
CA LEU D 65 -5.56 -12.55 9.23
C LEU D 65 -4.54 -13.04 10.27
N SER D 66 -4.43 -14.34 10.44
CA SER D 66 -3.42 -14.90 11.31
C SER D 66 -2.06 -14.94 10.64
N ALA D 67 -1.03 -14.89 11.47
CA ALA D 67 0.35 -15.05 11.00
C ALA D 67 0.51 -16.37 10.26
N ASP D 68 -0.07 -17.45 10.79
CA ASP D 68 0.07 -18.76 10.14
C ASP D 68 -0.55 -18.77 8.76
N GLU D 69 -1.71 -18.14 8.59
CA GLU D 69 -2.32 -18.26 7.27
C GLU D 69 -1.50 -17.47 6.26
N VAL D 70 -0.95 -16.33 6.65
CA VAL D 70 -0.11 -15.55 5.73
C VAL D 70 1.21 -16.28 5.46
N GLU D 71 1.81 -16.83 6.51
CA GLU D 71 3.06 -17.61 6.35
C GLU D 71 2.90 -18.79 5.39
N GLN D 72 1.82 -19.55 5.52
CA GLN D 72 1.53 -20.67 4.61
C GLN D 72 1.43 -20.21 3.18
N LEU D 73 0.76 -19.09 2.98
CA LEU D 73 0.54 -18.54 1.66
C LEU D 73 1.88 -18.17 1.03
N VAL D 74 2.72 -17.48 1.79
CA VAL D 74 4.03 -17.08 1.31
C VAL D 74 4.90 -18.30 0.99
N THR D 75 4.87 -19.29 1.85
CA THR D 75 5.67 -20.49 1.63
C THR D 75 5.23 -21.20 0.36
N PHE D 76 3.93 -21.38 0.20
CA PHE D 76 3.42 -22.07 -0.97
C PHE D 76 3.78 -21.28 -2.21
N ALA D 77 3.58 -19.96 -2.17
CA ALA D 77 3.81 -19.15 -3.36
C ALA D 77 5.27 -19.23 -3.80
N ARG D 78 6.20 -19.19 -2.83
CA ARG D 78 7.61 -19.27 -3.12
C ARG D 78 7.98 -20.60 -3.77
N GLY D 79 7.44 -21.68 -3.23
CA GLY D 79 7.75 -22.99 -3.76
C GLY D 79 7.16 -23.22 -5.12
N PHE D 80 5.92 -22.79 -5.31
CA PHE D 80 5.19 -23.02 -6.56
C PHE D 80 5.68 -22.15 -7.71
N GLY D 81 6.09 -20.92 -7.39
CA GLY D 81 6.38 -19.90 -8.38
C GLY D 81 5.13 -19.10 -8.70
N ALA D 82 4.50 -18.57 -7.66
CA ALA D 82 3.32 -17.75 -7.78
C ALA D 82 3.48 -16.48 -6.95
N GLU D 83 2.62 -15.52 -7.23
CA GLU D 83 2.49 -14.33 -6.40
C GLU D 83 1.45 -14.57 -5.34
N ALA D 84 1.80 -14.29 -4.09
CA ALA D 84 0.88 -14.47 -2.96
C ALA D 84 -0.04 -13.26 -2.80
N TYR D 85 -1.34 -13.54 -2.76
CA TYR D 85 -2.37 -12.51 -2.70
C TYR D 85 -3.44 -12.87 -1.69
N VAL D 86 -4.00 -11.82 -1.09
CA VAL D 86 -5.26 -11.94 -0.36
C VAL D 86 -6.32 -11.27 -1.22
N ALA D 87 -7.39 -11.98 -1.50
CA ALA D 87 -8.52 -11.41 -2.23
C ALA D 87 -9.64 -11.20 -1.23
N LEU D 88 -10.17 -9.98 -1.22
CA LEU D 88 -11.14 -9.57 -0.23
C LEU D 88 -12.37 -9.00 -0.91
N LYS D 89 -13.52 -9.53 -0.52
CA LYS D 89 -14.80 -9.06 -1.03
C LYS D 89 -15.56 -8.39 0.09
N LEU D 90 -15.95 -7.14 -0.14
CA LEU D 90 -16.88 -6.42 0.74
C LEU D 90 -18.21 -6.27 0.02
N PRO D 91 -19.29 -6.02 0.78
CA PRO D 91 -20.57 -5.82 0.12
C PRO D 91 -20.54 -4.61 -0.80
N ARG D 92 -21.14 -4.75 -1.97
CA ARG D 92 -21.26 -3.67 -2.94
C ARG D 92 -19.92 -3.22 -3.50
N ALA D 93 -18.87 -4.00 -3.30
CA ALA D 93 -17.59 -3.68 -3.91
C ALA D 93 -17.12 -4.87 -4.72
N ALA D 94 -16.38 -4.59 -5.78
CA ALA D 94 -15.74 -5.67 -6.50
C ALA D 94 -14.65 -6.32 -5.66
N TRP D 95 -14.31 -7.56 -6.00
CA TRP D 95 -13.13 -8.19 -5.39
C TRP D 95 -11.93 -7.27 -5.47
N ARG D 96 -11.13 -7.25 -4.40
CA ARG D 96 -9.93 -6.44 -4.36
C ARG D 96 -8.80 -7.32 -3.91
N PHE D 97 -7.65 -7.14 -4.56
CA PHE D 97 -6.55 -8.05 -4.40
CA PHE D 97 -6.51 -8.05 -4.45
C PHE D 97 -5.32 -7.35 -3.81
N PHE D 98 -4.77 -7.96 -2.77
CA PHE D 98 -3.66 -7.38 -2.02
C PHE D 98 -2.47 -8.31 -2.03
N PRO D 99 -1.35 -7.88 -2.62
CA PRO D 99 -0.15 -8.69 -2.47
C PRO D 99 0.14 -8.87 -0.99
N VAL D 100 0.66 -10.01 -0.56
CA VAL D 100 0.83 -10.21 0.86
C VAL D 100 1.73 -9.15 1.51
N GLN D 101 2.68 -8.60 0.76
CA GLN D 101 3.60 -7.61 1.33
C GLN D 101 2.95 -6.26 1.56
N MET D 102 1.74 -6.08 1.05
CA MET D 102 0.97 -4.86 1.27
C MET D 102 0.11 -4.89 2.56
N LEU D 103 -0.08 -6.08 3.11
CA LEU D 103 -0.81 -6.23 4.37
C LEU D 103 -0.10 -5.48 5.48
N GLU D 104 -0.85 -4.97 6.44
CA GLU D 104 -0.28 -4.37 7.64
C GLU D 104 0.03 -5.44 8.68
N ARG D 105 1.29 -5.52 9.09
CA ARG D 105 1.68 -6.41 10.18
C ARG D 105 1.60 -5.70 11.52
N THR D 106 0.85 -6.29 12.47
CA THR D 106 0.82 -5.86 13.87
C THR D 106 1.47 -6.95 14.75
N GLU D 107 1.51 -6.76 16.06
CA GLU D 107 2.06 -7.79 16.94
C GLU D 107 1.22 -9.06 16.95
N LYS D 108 -0.08 -8.94 16.67
CA LYS D 108 -1.01 -10.04 16.89
C LYS D 108 -1.55 -10.66 15.60
N ASN D 109 -1.41 -9.96 14.49
CA ASN D 109 -2.10 -10.37 13.28
C ASN D 109 -1.59 -9.58 12.08
N PHE D 110 -2.11 -9.91 10.90
CA PHE D 110 -2.02 -9.05 9.73
C PHE D 110 -3.39 -8.44 9.50
N LYS D 111 -3.43 -7.25 8.91
CA LYS D 111 -4.73 -6.65 8.68
CA LYS D 111 -4.65 -6.45 8.83
C LYS D 111 -4.78 -5.72 7.49
N ILE D 112 -6.01 -5.56 7.00
CA ILE D 112 -6.33 -4.62 5.95
C ILE D 112 -7.42 -3.73 6.50
N ASP D 113 -7.08 -2.49 6.81
CA ASP D 113 -8.07 -1.54 7.28
C ASP D 113 -8.33 -0.48 6.20
N GLU D 114 -9.03 0.59 6.57
CA GLU D 114 -9.46 1.58 5.60
C GLU D 114 -8.31 2.35 4.94
N SER D 115 -7.14 2.33 5.57
CA SER D 115 -5.97 3.02 5.03
C SER D 115 -5.20 2.18 4.02
N VAL D 116 -5.41 0.85 4.05
CA VAL D 116 -4.74 -0.05 3.14
C VAL D 116 -5.64 -0.47 1.98
N TYR D 117 -6.93 -0.61 2.25
CA TYR D 117 -7.86 -1.12 1.26
C TYR D 117 -7.78 -0.38 -0.09
N PRO D 118 -7.67 0.95 -0.09
CA PRO D 118 -7.65 1.61 -1.40
C PRO D 118 -6.40 1.30 -2.26
N LEU D 119 -5.36 0.75 -1.66
CA LEU D 119 -4.13 0.43 -2.38
C LEU D 119 -4.24 -0.86 -3.18
N GLY D 120 -5.25 -1.66 -2.87
CA GLY D 120 -5.46 -2.94 -3.52
C GLY D 120 -5.84 -2.84 -4.97
N LEU D 121 -5.65 -3.95 -5.69
CA LEU D 121 -5.84 -4.03 -7.14
C LEU D 121 -7.19 -4.62 -7.49
N GLU D 122 -7.78 -4.13 -8.56
CA GLU D 122 -8.94 -4.75 -9.16
C GLU D 122 -8.44 -5.94 -9.99
N ILE D 123 -9.33 -6.88 -10.29
CA ILE D 123 -8.93 -8.11 -10.97
C ILE D 123 -8.31 -7.78 -12.32
N ALA D 124 -8.81 -6.76 -13.00
CA ALA D 124 -8.24 -6.42 -14.30
C ALA D 124 -6.78 -5.98 -14.19
N GLU D 125 -6.43 -5.38 -13.06
CA GLU D 125 -5.08 -4.91 -12.82
C GLU D 125 -4.13 -6.04 -12.49
N VAL D 126 -4.66 -7.08 -11.85
CA VAL D 126 -3.90 -8.28 -11.58
C VAL D 126 -3.59 -9.03 -12.88
N ALA D 127 -4.60 -9.15 -13.74
CA ALA D 127 -4.44 -9.79 -15.05
C ALA D 127 -3.51 -9.00 -15.97
N GLY D 128 -3.59 -7.69 -15.90
CA GLY D 128 -2.80 -6.82 -16.76
C GLY D 128 -3.39 -6.70 -18.15
N LYS D 129 -2.73 -5.93 -19.01
CA LYS D 129 -3.21 -5.72 -20.36
C LYS D 129 -2.61 -6.72 -21.34
N PHE D 130 -3.14 -6.72 -22.56
CA PHE D 130 -2.61 -7.56 -23.62
C PHE D 130 -1.83 -6.74 -24.64
C ACT E . 22.20 24.29 7.24
O ACT E . 21.88 24.72 6.10
OXT ACT E . 22.07 25.09 8.19
CH3 ACT E . 22.74 22.92 7.45
C ACT F . 19.06 6.56 9.78
O ACT F . 18.22 5.90 9.14
OXT ACT F . 18.73 7.71 10.13
CH3 ACT F . 20.41 5.98 10.14
N NH4 G . 21.59 24.18 10.37
N NH4 H . -1.33 36.41 23.42
C ACT I . -12.90 48.76 16.24
O ACT I . -12.18 49.78 16.22
OXT ACT I . -13.04 48.21 17.35
CH3 ACT I . -13.55 48.23 14.99
N NH4 J . -1.46 -53.25 -22.28
N NH4 K . -6.34 -53.02 -13.49
C ACT L . -8.09 -51.41 -11.62
O ACT L . -8.27 -52.05 -12.67
OXT ACT L . -6.92 -51.40 -11.17
CH3 ACT L . -9.20 -50.69 -10.92
N NH4 M . -14.11 -15.35 4.31
C ACT N . 2.02 -13.78 15.51
O ACT N . 1.20 -12.93 15.13
OXT ACT N . 3.21 -13.42 15.54
CH3 ACT N . 1.60 -15.16 15.94
C ACT O . -12.41 -17.04 6.38
O ACT O . -11.96 -16.21 7.19
OXT ACT O . -13.60 -16.86 6.02
CH3 ACT O . -11.60 -18.18 5.84
#